data_7F44
#
_entry.id   7F44
#
_cell.length_a   76.500
_cell.length_b   76.500
_cell.length_c   99.725
_cell.angle_alpha   90.000
_cell.angle_beta   90.000
_cell.angle_gamma   90.000
#
_symmetry.space_group_name_H-M   'P 42 21 2'
#
loop_
_entity.id
_entity.type
_entity.pdbx_description
1 polymer 'Enoyl-[acyl-carrier-protein] reductase [NADH]'
2 non-polymer NICOTINAMIDE-ADENINE-DINUCLEOTIDE
3 non-polymer 'CALCIUM ION'
4 non-polymer GLYCEROL
5 water water
#
_entity_poly.entity_id   1
_entity_poly.type   'polypeptide(L)'
_entity_poly.pdbx_seq_one_letter_code
;HHHHHHENLYFQSMLLKGQRFVVTGIASKLSIAWAIAESLHREGAQLILTYPNDKIKKRVDMAAEAFDAVAVIECDVGSD
ESIQVCFDEIAKHWGVGDDKGIDGIVHAIGFAPADQLDGDFTQATTREGSQIAHDISSYSFVALAKAGRELLAARQGSLL
TLTYEGSISVLPNYNVMGMAKASLEASVRYLASSLGGEGIRVNAISAGPIRTLAASGIKSFRRMLDVSEKIAPLQRNVSQ
EEVGNAALFLLSPWASGITGEILFVDAGFNTVAISEKIMMMAGDGEQ
;
_entity_poly.pdbx_strand_id   A
#
loop_
_chem_comp.id
_chem_comp.type
_chem_comp.name
_chem_comp.formula
CA non-polymer 'CALCIUM ION' 'Ca 2'
GOL non-polymer GLYCEROL 'C3 H8 O3'
NAD non-polymer NICOTINAMIDE-ADENINE-DINUCLEOTIDE 'C21 H27 N7 O14 P2'
#
# COMPACT_ATOMS: atom_id res chain seq x y z
N MET A 14 15.96 -9.07 14.38
CA MET A 14 15.36 -8.97 15.76
C MET A 14 13.84 -9.17 15.67
N LEU A 15 13.07 -8.10 15.42
CA LEU A 15 11.62 -8.12 15.63
C LEU A 15 10.89 -9.08 14.67
N LEU A 16 11.41 -9.24 13.43
CA LEU A 16 10.72 -10.04 12.42
C LEU A 16 11.57 -11.23 11.98
N LYS A 17 12.48 -11.67 12.86
CA LYS A 17 13.40 -12.78 12.62
C LYS A 17 12.63 -14.02 12.17
N GLY A 18 12.91 -14.49 10.95
CA GLY A 18 12.28 -15.70 10.46
C GLY A 18 10.84 -15.47 9.98
N GLN A 19 10.46 -14.21 9.79
CA GLN A 19 9.13 -13.93 9.28
C GLN A 19 9.19 -13.60 7.79
N ARG A 20 8.11 -13.94 7.08
CA ARG A 20 8.08 -13.86 5.63
C ARG A 20 7.00 -12.90 5.15
N PHE A 21 7.37 -12.00 4.23
CA PHE A 21 6.47 -10.99 3.70
C PHE A 21 6.49 -10.96 2.18
N VAL A 22 5.32 -10.83 1.57
CA VAL A 22 5.19 -10.59 0.14
C VAL A 22 4.94 -9.09 -0.01
N VAL A 23 5.80 -8.38 -0.74
CA VAL A 23 5.67 -6.94 -0.94
C VAL A 23 5.37 -6.69 -2.41
N THR A 24 4.29 -5.95 -2.68
CA THR A 24 3.95 -5.51 -4.03
C THR A 24 4.20 -4.03 -4.14
N GLY A 25 4.13 -3.52 -5.36
CA GLY A 25 4.04 -2.09 -5.61
C GLY A 25 5.38 -1.36 -5.61
N ILE A 26 6.49 -2.10 -5.42
CA ILE A 26 7.81 -1.48 -5.58
C ILE A 26 8.01 -1.09 -7.06
N ALA A 27 8.02 0.22 -7.33
CA ALA A 27 8.24 0.68 -8.69
C ALA A 27 9.66 1.26 -8.78
N SER A 28 10.19 1.77 -7.66
CA SER A 28 11.54 2.36 -7.63
C SER A 28 11.97 2.61 -6.20
N LYS A 29 13.07 3.36 -6.04
CA LYS A 29 13.67 3.71 -4.75
C LYS A 29 12.81 4.74 -4.03
N LEU A 30 11.99 5.48 -4.79
CA LEU A 30 11.10 6.51 -4.25
C LEU A 30 9.77 5.92 -3.77
N SER A 31 9.39 4.73 -4.29
CA SER A 31 8.19 4.02 -3.88
C SER A 31 8.11 3.86 -2.35
N ILE A 32 6.91 4.09 -1.80
CA ILE A 32 6.66 3.86 -0.39
C ILE A 32 6.93 2.39 -0.08
N ALA A 33 6.63 1.53 -1.07
CA ALA A 33 6.83 0.10 -0.86
C ALA A 33 8.31 -0.29 -0.74
N TRP A 34 9.22 0.50 -1.35
CA TRP A 34 10.65 0.27 -1.16
C TRP A 34 10.99 0.48 0.32
N ALA A 35 10.50 1.59 0.87
CA ALA A 35 10.76 1.95 2.25
C ALA A 35 10.11 0.91 3.16
N ILE A 36 8.94 0.41 2.76
CA ILE A 36 8.33 -0.63 3.56
C ILE A 36 9.26 -1.84 3.56
N ALA A 37 9.64 -2.33 2.37
CA ALA A 37 10.55 -3.47 2.25
C ALA A 37 11.76 -3.27 3.16
N GLU A 38 12.32 -2.06 3.12
CA GLU A 38 13.51 -1.68 3.86
C GLU A 38 13.30 -1.90 5.35
N SER A 39 12.20 -1.34 5.89
CA SER A 39 11.92 -1.45 7.31
C SER A 39 11.80 -2.92 7.71
N LEU A 40 11.19 -3.74 6.83
CA LEU A 40 10.91 -5.13 7.15
C LEU A 40 12.23 -5.93 7.20
N HIS A 41 13.09 -5.69 6.22
CA HIS A 41 14.39 -6.34 6.11
C HIS A 41 15.24 -5.97 7.32
N ARG A 42 15.35 -4.66 7.62
CA ARG A 42 16.09 -4.15 8.75
C ARG A 42 15.80 -4.96 10.02
N GLU A 43 14.56 -5.47 10.15
CA GLU A 43 14.13 -6.11 11.38
C GLU A 43 14.20 -7.63 11.27
N GLY A 44 14.70 -8.13 10.14
CA GLY A 44 15.12 -9.52 10.08
C GLY A 44 14.19 -10.39 9.26
N ALA A 45 13.46 -9.77 8.33
CA ALA A 45 12.40 -10.48 7.63
C ALA A 45 12.92 -10.98 6.29
N GLN A 46 12.30 -12.07 5.82
CA GLN A 46 12.48 -12.59 4.48
C GLN A 46 11.37 -12.09 3.57
N LEU A 47 11.78 -11.66 2.37
CA LEU A 47 10.91 -10.95 1.44
C LEU A 47 10.78 -11.73 0.14
N ILE A 48 9.56 -11.80 -0.37
CA ILE A 48 9.37 -11.96 -1.80
C ILE A 48 8.78 -10.65 -2.31
N LEU A 49 9.34 -10.18 -3.42
CA LEU A 49 8.92 -8.96 -4.09
C LEU A 49 8.28 -9.35 -5.41
N THR A 50 7.26 -8.60 -5.83
CA THR A 50 6.56 -8.87 -7.07
C THR A 50 6.77 -7.68 -7.99
N TYR A 51 6.57 -7.88 -9.30
CA TYR A 51 6.67 -6.81 -10.27
C TYR A 51 5.51 -6.98 -11.25
N PRO A 52 4.99 -5.87 -11.83
CA PRO A 52 3.80 -5.96 -12.69
C PRO A 52 4.14 -6.33 -14.13
N ASN A 53 5.28 -5.80 -14.62
CA ASN A 53 5.70 -5.91 -16.01
C ASN A 53 7.22 -6.02 -16.05
N ASP A 54 7.74 -6.17 -17.29
CA ASP A 54 9.14 -6.41 -17.54
C ASP A 54 9.96 -5.12 -17.40
N LYS A 55 9.32 -3.97 -17.70
CA LYS A 55 10.03 -2.71 -17.65
C LYS A 55 10.22 -2.21 -16.22
N ILE A 56 9.39 -2.71 -15.28
CA ILE A 56 9.50 -2.32 -13.88
C ILE A 56 10.38 -3.35 -13.16
N LYS A 57 10.57 -4.50 -13.81
CA LYS A 57 11.31 -5.60 -13.23
C LYS A 57 12.70 -5.16 -12.79
N LYS A 58 13.29 -4.17 -13.46
CA LYS A 58 14.66 -3.77 -13.17
C LYS A 58 14.76 -3.19 -11.77
N ARG A 59 13.79 -2.35 -11.41
CA ARG A 59 13.84 -1.67 -10.12
C ARG A 59 13.59 -2.66 -9.01
N VAL A 60 12.71 -3.62 -9.28
CA VAL A 60 12.42 -4.66 -8.32
C VAL A 60 13.68 -5.48 -8.02
N ASP A 61 14.39 -5.93 -9.07
CA ASP A 61 15.64 -6.69 -8.92
C ASP A 61 16.63 -5.97 -7.99
N MET A 62 16.81 -4.67 -8.19
CA MET A 62 17.71 -3.92 -7.32
C MET A 62 17.27 -4.03 -5.86
N ALA A 63 15.95 -4.00 -5.63
CA ALA A 63 15.43 -4.18 -4.29
C ALA A 63 15.75 -5.59 -3.80
N ALA A 64 15.52 -6.58 -4.67
CA ALA A 64 15.91 -7.95 -4.42
C ALA A 64 17.36 -8.00 -3.92
N GLU A 65 18.23 -7.27 -4.62
CA GLU A 65 19.64 -7.16 -4.25
C GLU A 65 19.78 -6.52 -2.86
N ALA A 66 19.18 -5.35 -2.67
CA ALA A 66 19.40 -4.61 -1.44
C ALA A 66 18.92 -5.37 -0.20
N PHE A 67 18.02 -6.34 -0.37
CA PHE A 67 17.32 -6.87 0.78
C PHE A 67 17.37 -8.39 0.82
N ASP A 68 18.16 -9.01 -0.06
CA ASP A 68 18.39 -10.45 -0.08
C ASP A 68 17.07 -11.19 -0.26
N ALA A 69 16.31 -10.81 -1.29
CA ALA A 69 14.98 -11.34 -1.53
C ALA A 69 15.04 -12.84 -1.81
N VAL A 70 14.28 -13.61 -1.04
CA VAL A 70 14.03 -15.01 -1.32
C VAL A 70 13.70 -15.17 -2.81
N ALA A 71 12.90 -14.27 -3.39
CA ALA A 71 12.40 -14.47 -4.74
C ALA A 71 11.78 -13.20 -5.28
N VAL A 72 11.71 -13.08 -6.61
CA VAL A 72 11.12 -11.96 -7.32
C VAL A 72 10.15 -12.52 -8.35
N ILE A 73 8.84 -12.35 -8.10
CA ILE A 73 7.80 -13.01 -8.89
C ILE A 73 6.91 -11.98 -9.59
N GLU A 74 6.44 -12.35 -10.78
CA GLU A 74 5.62 -11.42 -11.53
C GLU A 74 4.21 -11.47 -10.93
N CYS A 75 3.55 -10.31 -10.93
CA CYS A 75 2.20 -10.19 -10.40
C CYS A 75 1.55 -8.90 -10.91
N ASP A 76 0.71 -9.05 -11.94
CA ASP A 76 -0.19 -8.01 -12.41
C ASP A 76 -1.52 -8.22 -11.70
N VAL A 77 -1.86 -7.28 -10.80
CA VAL A 77 -3.06 -7.38 -9.99
C VAL A 77 -4.28 -7.06 -10.84
N GLY A 78 -4.04 -6.66 -12.08
CA GLY A 78 -5.09 -6.59 -13.09
C GLY A 78 -5.48 -7.96 -13.66
N SER A 79 -4.70 -9.02 -13.40
CA SER A 79 -4.95 -10.33 -13.95
C SER A 79 -5.09 -11.39 -12.84
N ASP A 80 -6.26 -12.02 -12.78
CA ASP A 80 -6.52 -13.00 -11.75
C ASP A 80 -5.56 -14.16 -11.97
N GLU A 81 -5.29 -14.43 -13.25
CA GLU A 81 -4.44 -15.54 -13.65
C GLU A 81 -3.02 -15.25 -13.18
N SER A 82 -2.58 -14.00 -13.43
CA SER A 82 -1.28 -13.53 -12.96
C SER A 82 -1.15 -13.70 -11.44
N ILE A 83 -2.22 -13.39 -10.70
CA ILE A 83 -2.16 -13.43 -9.25
C ILE A 83 -2.07 -14.88 -8.80
N GLN A 84 -2.83 -15.75 -9.47
CA GLN A 84 -2.91 -17.15 -9.08
C GLN A 84 -1.54 -17.79 -9.20
N VAL A 85 -0.85 -17.51 -10.32
CA VAL A 85 0.40 -18.18 -10.60
C VAL A 85 1.49 -17.66 -9.65
N CYS A 86 1.39 -16.35 -9.35
CA CYS A 86 2.27 -15.73 -8.37
C CYS A 86 2.16 -16.52 -7.06
N PHE A 87 0.92 -16.74 -6.60
CA PHE A 87 0.78 -17.40 -5.32
C PHE A 87 1.17 -18.87 -5.41
N ASP A 88 1.09 -19.48 -6.60
CA ASP A 88 1.62 -20.82 -6.83
C ASP A 88 3.12 -20.84 -6.62
N GLU A 89 3.83 -19.89 -7.26
CA GLU A 89 5.27 -19.75 -7.09
C GLU A 89 5.61 -19.57 -5.59
N ILE A 90 4.82 -18.73 -4.90
CA ILE A 90 5.09 -18.42 -3.50
C ILE A 90 4.92 -19.70 -2.67
N ALA A 91 3.91 -20.51 -3.02
CA ALA A 91 3.68 -21.76 -2.33
C ALA A 91 4.95 -22.62 -2.25
N LYS A 92 5.82 -22.55 -3.27
CA LYS A 92 6.92 -23.49 -3.39
C LYS A 92 8.10 -23.06 -2.50
N HIS A 93 8.18 -21.76 -2.20
CA HIS A 93 9.16 -21.32 -1.23
C HIS A 93 8.57 -21.41 0.18
N TRP A 94 7.26 -21.14 0.33
CA TRP A 94 6.76 -20.75 1.62
C TRP A 94 5.59 -21.64 2.06
N GLY A 95 5.17 -22.53 1.17
CA GLY A 95 4.04 -23.40 1.49
C GLY A 95 4.42 -24.87 1.65
N VAL A 96 5.68 -25.16 1.98
CA VAL A 96 6.08 -26.55 2.21
C VAL A 96 6.75 -26.66 3.56
N GLY A 97 6.44 -27.73 4.29
CA GLY A 97 7.00 -27.93 5.62
C GLY A 97 5.95 -27.66 6.69
N ASP A 98 6.36 -27.81 7.96
CA ASP A 98 5.42 -27.66 9.06
C ASP A 98 5.33 -26.17 9.42
N ASP A 99 6.35 -25.43 8.99
CA ASP A 99 6.55 -24.01 9.19
C ASP A 99 6.01 -23.25 7.97
N LYS A 100 5.10 -23.88 7.22
CA LYS A 100 4.55 -23.29 6.02
C LYS A 100 3.71 -22.06 6.39
N GLY A 101 3.69 -21.06 5.49
CA GLY A 101 2.82 -19.89 5.62
C GLY A 101 3.53 -18.58 5.33
N ILE A 102 2.82 -17.47 5.57
CA ILE A 102 3.30 -16.13 5.26
C ILE A 102 2.84 -15.24 6.41
N ASP A 103 3.70 -14.28 6.79
CA ASP A 103 3.44 -13.41 7.94
C ASP A 103 2.74 -12.13 7.50
N GLY A 104 3.02 -11.67 6.28
CA GLY A 104 2.25 -10.56 5.75
C GLY A 104 2.22 -10.47 4.22
N ILE A 105 1.21 -9.75 3.70
CA ILE A 105 1.15 -9.31 2.32
C ILE A 105 0.93 -7.80 2.31
N VAL A 106 1.78 -7.09 1.57
CA VAL A 106 1.75 -5.64 1.46
C VAL A 106 1.23 -5.29 0.08
N HIS A 107 0.08 -4.58 0.08
CA HIS A 107 -0.56 -4.02 -1.09
C HIS A 107 -0.32 -2.51 -1.13
N ALA A 108 0.45 -2.06 -2.12
CA ALA A 108 0.89 -0.69 -2.28
C ALA A 108 0.74 -0.29 -3.76
N ILE A 109 -0.42 -0.63 -4.31
CA ILE A 109 -0.75 -0.51 -5.72
C ILE A 109 -1.96 0.41 -5.84
N GLY A 110 -1.81 1.42 -6.71
CA GLY A 110 -2.93 2.22 -7.18
C GLY A 110 -2.69 2.72 -8.61
N PHE A 111 -3.79 2.89 -9.35
CA PHE A 111 -3.73 3.45 -10.69
C PHE A 111 -5.09 4.01 -11.11
N ALA A 112 -5.05 5.21 -11.70
CA ALA A 112 -6.16 5.71 -12.50
C ALA A 112 -5.61 6.33 -13.78
N PRO A 113 -6.27 6.14 -14.96
CA PRO A 113 -5.89 6.84 -16.19
C PRO A 113 -5.70 8.34 -15.93
N ALA A 114 -4.55 8.86 -16.36
CA ALA A 114 -4.10 10.22 -16.08
C ALA A 114 -5.20 11.27 -16.31
N ASP A 115 -6.06 11.01 -17.30
CA ASP A 115 -7.09 11.93 -17.76
C ASP A 115 -8.28 11.97 -16.80
N GLN A 116 -8.37 10.97 -15.89
CA GLN A 116 -9.41 10.94 -14.88
C GLN A 116 -9.12 11.98 -13.79
N LEU A 117 -7.85 12.40 -13.69
CA LEU A 117 -7.34 13.14 -12.54
C LEU A 117 -6.98 14.58 -12.91
N ASP A 118 -7.63 15.12 -13.95
CA ASP A 118 -7.29 16.45 -14.46
C ASP A 118 -8.51 17.36 -14.47
N GLY A 119 -8.57 18.27 -13.49
CA GLY A 119 -9.61 19.29 -13.42
C GLY A 119 -10.93 18.75 -12.89
N ASP A 120 -12.03 19.32 -13.42
CA ASP A 120 -13.37 19.18 -12.88
C ASP A 120 -13.73 17.69 -12.78
N PHE A 121 -14.06 17.27 -11.55
CA PHE A 121 -14.39 15.87 -11.30
C PHE A 121 -15.47 15.36 -12.28
N THR A 122 -16.51 16.17 -12.51
CA THR A 122 -17.69 15.75 -13.27
C THR A 122 -17.34 15.63 -14.76
N GLN A 123 -16.63 16.64 -15.29
CA GLN A 123 -16.20 16.65 -16.68
C GLN A 123 -15.18 15.53 -16.93
N ALA A 124 -14.23 15.33 -16.00
CA ALA A 124 -13.09 14.47 -16.26
C ALA A 124 -13.40 12.98 -16.04
N THR A 125 -14.34 12.65 -15.14
CA THR A 125 -14.56 11.27 -14.74
C THR A 125 -15.30 10.49 -15.85
N THR A 126 -14.75 9.35 -16.27
CA THR A 126 -15.40 8.53 -17.29
C THR A 126 -15.69 7.13 -16.76
N ARG A 127 -16.68 6.47 -17.37
CA ARG A 127 -17.12 5.15 -16.99
C ARG A 127 -15.95 4.18 -16.94
N GLU A 128 -15.05 4.28 -17.92
CA GLU A 128 -13.98 3.30 -18.04
C GLU A 128 -12.85 3.61 -17.06
N GLY A 129 -12.53 4.91 -16.89
CA GLY A 129 -11.46 5.29 -15.99
C GLY A 129 -11.80 4.92 -14.55
N SER A 130 -13.06 5.14 -14.21
CA SER A 130 -13.58 4.77 -12.91
C SER A 130 -13.47 3.26 -12.72
N GLN A 131 -13.81 2.53 -13.78
CA GLN A 131 -13.79 1.08 -13.72
C GLN A 131 -12.35 0.63 -13.50
N ILE A 132 -11.42 1.25 -14.22
CA ILE A 132 -10.03 0.85 -14.14
C ILE A 132 -9.49 1.20 -12.75
N ALA A 133 -9.76 2.42 -12.29
CA ALA A 133 -9.32 2.86 -10.97
C ALA A 133 -9.79 1.90 -9.88
N HIS A 134 -11.02 1.39 -9.99
CA HIS A 134 -11.57 0.60 -8.90
C HIS A 134 -10.98 -0.79 -8.93
N ASP A 135 -10.80 -1.30 -10.15
CA ASP A 135 -10.26 -2.62 -10.42
C ASP A 135 -8.83 -2.72 -9.86
N ILE A 136 -7.96 -1.78 -10.26
CA ILE A 136 -6.55 -1.91 -9.92
C ILE A 136 -6.30 -1.47 -8.48
N SER A 137 -6.99 -0.39 -8.04
CA SER A 137 -6.72 0.24 -6.76
C SER A 137 -7.47 -0.43 -5.63
N SER A 138 -8.65 -1.00 -5.90
CA SER A 138 -9.50 -1.47 -4.82
C SER A 138 -9.75 -2.99 -4.85
N TYR A 139 -10.27 -3.51 -5.96
CA TYR A 139 -10.49 -4.96 -6.07
C TYR A 139 -9.19 -5.77 -5.91
N SER A 140 -8.06 -5.22 -6.39
CA SER A 140 -6.81 -5.97 -6.39
C SER A 140 -6.42 -6.42 -4.98
N PHE A 141 -6.82 -5.63 -3.97
CA PHE A 141 -6.49 -5.99 -2.59
C PHE A 141 -7.33 -7.19 -2.19
N VAL A 142 -8.60 -7.21 -2.63
CA VAL A 142 -9.44 -8.34 -2.32
C VAL A 142 -8.85 -9.59 -2.99
N ALA A 143 -8.43 -9.42 -4.24
CA ALA A 143 -7.78 -10.46 -5.05
C ALA A 143 -6.56 -11.06 -4.36
N LEU A 144 -5.64 -10.22 -3.85
CA LEU A 144 -4.50 -10.76 -3.12
C LEU A 144 -4.98 -11.46 -1.85
N ALA A 145 -6.01 -10.92 -1.18
CA ALA A 145 -6.50 -11.57 0.03
C ALA A 145 -6.93 -12.99 -0.30
N LYS A 146 -7.68 -13.11 -1.40
CA LYS A 146 -8.22 -14.38 -1.88
C LYS A 146 -7.10 -15.39 -2.09
N ALA A 147 -6.10 -15.03 -2.91
CA ALA A 147 -4.98 -15.91 -3.23
C ALA A 147 -4.07 -16.20 -2.03
N GLY A 148 -3.96 -15.26 -1.09
CA GLY A 148 -3.04 -15.45 0.03
C GLY A 148 -3.67 -16.13 1.22
N ARG A 149 -5.00 -16.26 1.21
CA ARG A 149 -5.74 -16.69 2.39
C ARG A 149 -5.05 -17.86 3.12
N GLU A 150 -4.79 -18.99 2.42
CA GLU A 150 -4.30 -20.20 3.06
C GLU A 150 -2.90 -20.03 3.67
N LEU A 151 -2.03 -19.33 2.95
CA LEU A 151 -0.69 -19.08 3.47
C LEU A 151 -0.76 -18.18 4.70
N LEU A 152 -1.47 -17.05 4.61
CA LEU A 152 -1.65 -16.16 5.76
C LEU A 152 -2.28 -16.94 6.90
N ALA A 153 -3.35 -17.68 6.58
CA ALA A 153 -4.03 -18.46 7.61
C ALA A 153 -3.02 -19.33 8.37
N ALA A 154 -2.05 -19.91 7.66
CA ALA A 154 -1.17 -20.91 8.27
C ALA A 154 -0.21 -20.28 9.27
N ARG A 155 0.05 -18.97 9.15
CA ARG A 155 0.90 -18.31 10.13
C ARG A 155 0.16 -17.20 10.86
N GLN A 156 -1.17 -17.17 10.71
CA GLN A 156 -2.00 -16.09 11.23
C GLN A 156 -1.37 -14.72 10.90
N GLY A 157 -1.05 -14.49 9.63
CA GLY A 157 -0.35 -13.26 9.24
C GLY A 157 -1.32 -12.15 8.84
N SER A 158 -0.80 -11.04 8.31
CA SER A 158 -1.74 -9.96 8.08
C SER A 158 -1.62 -9.39 6.67
N LEU A 159 -2.63 -8.60 6.29
CA LEU A 159 -2.64 -7.83 5.05
C LEU A 159 -2.56 -6.34 5.36
N LEU A 160 -1.87 -5.62 4.47
CA LEU A 160 -1.71 -4.19 4.70
C LEU A 160 -1.85 -3.50 3.37
N THR A 161 -2.64 -2.43 3.34
CA THR A 161 -2.78 -1.65 2.12
C THR A 161 -2.41 -0.21 2.44
N LEU A 162 -2.20 0.59 1.38
CA LEU A 162 -1.95 2.01 1.52
C LEU A 162 -3.08 2.82 0.90
N THR A 163 -3.60 3.77 1.66
CA THR A 163 -4.74 4.54 1.20
C THR A 163 -4.36 6.00 1.31
N TYR A 164 -5.39 6.85 1.31
CA TYR A 164 -5.24 8.29 1.24
C TYR A 164 -6.57 8.97 1.58
N GLU A 165 -6.46 10.18 2.17
CA GLU A 165 -7.55 10.96 2.74
C GLU A 165 -8.54 11.46 1.68
N GLY A 166 -8.14 11.46 0.40
CA GLY A 166 -9.05 11.81 -0.70
C GLY A 166 -10.38 11.06 -0.68
N SER A 167 -10.36 9.84 -0.11
CA SER A 167 -11.50 8.94 0.11
C SER A 167 -12.66 9.61 0.85
N ILE A 168 -12.35 10.44 1.86
CA ILE A 168 -13.34 10.94 2.83
C ILE A 168 -13.40 12.47 2.79
N SER A 169 -12.39 13.10 2.17
CA SER A 169 -12.24 14.56 2.09
C SER A 169 -11.80 14.91 0.68
N VAL A 170 -12.44 15.94 0.11
CA VAL A 170 -12.08 16.35 -1.24
C VAL A 170 -10.70 17.04 -1.29
N LEU A 171 -9.88 16.62 -2.26
CA LEU A 171 -8.67 17.29 -2.72
C LEU A 171 -8.73 17.41 -4.24
N PRO A 172 -8.28 18.55 -4.85
CA PRO A 172 -8.48 18.80 -6.28
C PRO A 172 -7.74 17.77 -7.15
N ASN A 173 -8.38 17.37 -8.26
CA ASN A 173 -7.81 16.43 -9.22
C ASN A 173 -7.65 15.02 -8.66
N TYR A 174 -8.07 14.76 -7.41
CA TYR A 174 -7.93 13.40 -6.91
C TYR A 174 -9.02 12.54 -7.54
N ASN A 175 -10.26 13.05 -7.49
CA ASN A 175 -11.31 12.66 -8.42
C ASN A 175 -11.75 11.22 -8.14
N VAL A 176 -11.51 10.35 -9.12
CA VAL A 176 -12.04 9.00 -9.09
C VAL A 176 -11.17 8.10 -8.20
N MET A 177 -9.93 8.51 -7.92
CA MET A 177 -9.11 7.80 -6.95
C MET A 177 -9.69 8.00 -5.54
N GLY A 178 -10.31 9.16 -5.30
CA GLY A 178 -11.03 9.37 -4.05
C GLY A 178 -12.09 8.29 -3.85
N MET A 179 -12.86 8.02 -4.92
CA MET A 179 -13.89 7.00 -4.88
C MET A 179 -13.26 5.62 -4.70
N ALA A 180 -12.13 5.40 -5.40
CA ALA A 180 -11.47 4.10 -5.41
C ALA A 180 -10.87 3.82 -4.03
N LYS A 181 -10.43 4.86 -3.34
CA LYS A 181 -9.85 4.71 -2.01
C LYS A 181 -10.91 4.52 -0.92
N ALA A 182 -12.08 5.13 -1.10
CA ALA A 182 -13.17 4.91 -0.15
C ALA A 182 -13.54 3.43 -0.20
N SER A 183 -13.56 2.91 -1.43
CA SER A 183 -13.86 1.52 -1.74
C SER A 183 -12.85 0.58 -1.09
N LEU A 184 -11.56 0.94 -1.23
CA LEU A 184 -10.49 0.13 -0.71
C LEU A 184 -10.56 0.12 0.82
N GLU A 185 -10.91 1.26 1.40
CA GLU A 185 -11.02 1.26 2.85
C GLU A 185 -12.24 0.43 3.30
N ALA A 186 -13.31 0.40 2.47
CA ALA A 186 -14.42 -0.47 2.85
C ALA A 186 -13.93 -1.92 2.84
N SER A 187 -13.10 -2.28 1.84
CA SER A 187 -12.60 -3.63 1.66
C SER A 187 -11.75 -4.09 2.84
N VAL A 188 -10.97 -3.17 3.42
CA VAL A 188 -10.26 -3.38 4.68
C VAL A 188 -11.22 -3.86 5.77
N ARG A 189 -12.37 -3.21 5.89
CA ARG A 189 -13.30 -3.56 6.95
C ARG A 189 -13.90 -4.93 6.70
N TYR A 190 -14.35 -5.16 5.46
CA TYR A 190 -14.96 -6.42 5.05
C TYR A 190 -13.99 -7.59 5.17
N LEU A 191 -12.78 -7.42 4.62
CA LEU A 191 -11.75 -8.45 4.74
C LEU A 191 -11.45 -8.73 6.21
N ALA A 192 -11.40 -7.69 7.05
CA ALA A 192 -11.07 -7.94 8.44
C ALA A 192 -12.14 -8.84 9.03
N SER A 193 -13.39 -8.66 8.58
CA SER A 193 -14.47 -9.49 9.13
C SER A 193 -14.43 -10.89 8.56
N SER A 194 -14.07 -10.99 7.28
CA SER A 194 -14.08 -12.26 6.56
C SER A 194 -12.94 -13.16 7.02
N LEU A 195 -11.82 -12.54 7.40
CA LEU A 195 -10.60 -13.30 7.59
C LEU A 195 -10.22 -13.45 9.07
N GLY A 196 -10.82 -12.65 9.95
CA GLY A 196 -10.37 -12.58 11.33
C GLY A 196 -10.55 -13.89 12.09
N GLY A 197 -11.49 -14.73 11.64
CA GLY A 197 -11.75 -16.02 12.24
C GLY A 197 -10.56 -16.96 12.10
N GLU A 198 -9.70 -16.70 11.12
CA GLU A 198 -8.49 -17.47 10.91
C GLU A 198 -7.30 -16.75 11.53
N GLY A 199 -7.59 -15.70 12.31
CA GLY A 199 -6.52 -14.97 12.98
C GLY A 199 -5.71 -14.08 12.03
N ILE A 200 -6.24 -13.78 10.82
CA ILE A 200 -5.62 -12.85 9.88
C ILE A 200 -6.12 -11.43 10.14
N ARG A 201 -5.19 -10.50 10.38
CA ARG A 201 -5.49 -9.09 10.59
C ARG A 201 -5.48 -8.36 9.25
N VAL A 202 -6.30 -7.30 9.12
CA VAL A 202 -6.29 -6.55 7.86
C VAL A 202 -6.32 -5.07 8.18
N ASN A 203 -5.36 -4.31 7.67
CA ASN A 203 -5.22 -2.93 8.10
C ASN A 203 -4.76 -2.10 6.91
N ALA A 204 -4.79 -0.77 7.10
CA ALA A 204 -4.38 0.20 6.09
C ALA A 204 -3.65 1.35 6.77
N ILE A 205 -2.71 1.94 6.04
CA ILE A 205 -2.12 3.20 6.43
C ILE A 205 -2.59 4.24 5.42
N SER A 206 -3.05 5.38 5.93
CA SER A 206 -3.37 6.53 5.10
C SER A 206 -2.17 7.46 5.17
N ALA A 207 -1.32 7.40 4.15
CA ALA A 207 -0.12 8.22 4.14
C ALA A 207 -0.48 9.67 3.78
N GLY A 208 0.22 10.60 4.42
CA GLY A 208 0.20 11.99 3.99
C GLY A 208 0.90 12.14 2.65
N PRO A 209 0.74 13.31 1.99
CA PRO A 209 1.45 13.58 0.74
C PRO A 209 2.96 13.58 1.00
N ILE A 210 3.72 12.92 0.11
CA ILE A 210 5.14 12.76 0.30
C ILE A 210 5.88 13.55 -0.78
N ARG A 211 6.82 14.39 -0.35
CA ARG A 211 7.63 15.17 -1.28
C ARG A 211 8.70 14.26 -1.90
N THR A 212 8.48 13.85 -3.15
CA THR A 212 9.48 13.08 -3.86
C THR A 212 10.07 13.92 -4.99
N LEU A 213 11.16 13.40 -5.56
CA LEU A 213 11.82 13.99 -6.72
C LEU A 213 10.80 14.18 -7.83
N ALA A 214 10.24 13.05 -8.29
CA ALA A 214 9.25 12.99 -9.35
C ALA A 214 8.13 14.00 -9.09
N ALA A 215 7.51 13.88 -7.91
CA ALA A 215 6.30 14.62 -7.59
C ALA A 215 6.56 16.13 -7.64
N SER A 216 7.71 16.56 -7.08
CA SER A 216 8.11 17.96 -7.04
C SER A 216 8.16 18.55 -8.45
N GLY A 217 8.32 17.68 -9.45
CA GLY A 217 8.27 18.01 -10.87
C GLY A 217 6.98 18.72 -11.30
N ILE A 218 5.84 18.39 -10.67
CA ILE A 218 4.54 18.88 -11.13
C ILE A 218 4.09 20.07 -10.29
N LYS A 219 3.98 21.24 -10.94
CA LYS A 219 3.60 22.49 -10.29
C LYS A 219 2.40 22.27 -9.35
N SER A 220 1.36 21.60 -9.86
CA SER A 220 0.13 21.43 -9.12
C SER A 220 0.33 20.52 -7.91
N PHE A 221 1.21 19.53 -8.05
CA PHE A 221 1.54 18.64 -6.96
C PHE A 221 2.37 19.39 -5.91
N ARG A 222 3.43 20.08 -6.33
CA ARG A 222 4.24 20.85 -5.40
C ARG A 222 3.35 21.78 -4.60
N ARG A 223 2.29 22.30 -5.23
CA ARG A 223 1.45 23.28 -4.56
C ARG A 223 0.68 22.60 -3.45
N MET A 224 0.21 21.38 -3.73
CA MET A 224 -0.59 20.62 -2.80
C MET A 224 0.30 20.22 -1.62
N LEU A 225 1.57 19.90 -1.90
CA LEU A 225 2.54 19.55 -0.87
C LEU A 225 2.70 20.73 0.09
N ASP A 226 2.62 21.94 -0.47
CA ASP A 226 2.98 23.14 0.27
C ASP A 226 1.83 23.58 1.15
N VAL A 227 0.59 23.43 0.66
CA VAL A 227 -0.51 23.74 1.55
C VAL A 227 -0.61 22.67 2.64
N SER A 228 -0.18 21.44 2.32
CA SER A 228 -0.15 20.35 3.29
C SER A 228 0.68 20.76 4.51
N GLU A 229 1.97 21.04 4.28
CA GLU A 229 2.90 21.48 5.30
C GLU A 229 2.33 22.65 6.10
N LYS A 230 1.47 23.48 5.46
CA LYS A 230 0.91 24.68 6.06
C LYS A 230 -0.29 24.33 6.95
N ILE A 231 -0.85 23.16 6.74
CA ILE A 231 -2.07 22.80 7.44
C ILE A 231 -1.68 21.83 8.55
N ALA A 232 -0.65 21.00 8.29
CA ALA A 232 -0.38 19.83 9.11
C ALA A 232 0.21 20.32 10.44
N PRO A 233 -0.27 19.79 11.59
CA PRO A 233 0.25 20.18 12.89
C PRO A 233 1.78 20.19 13.04
N LEU A 234 2.48 19.22 12.40
CA LEU A 234 3.92 19.08 12.58
C LEU A 234 4.64 19.98 11.59
N GLN A 235 3.87 20.71 10.77
CA GLN A 235 4.44 21.72 9.87
C GLN A 235 5.47 21.09 8.92
N ARG A 236 5.13 19.92 8.37
CA ARG A 236 5.94 19.24 7.38
C ARG A 236 5.11 18.11 6.78
N ASN A 237 5.63 17.53 5.70
CA ASN A 237 5.14 16.32 5.06
C ASN A 237 5.92 15.14 5.64
N VAL A 238 5.34 13.94 5.61
CA VAL A 238 6.00 12.77 6.18
C VAL A 238 7.00 12.24 5.15
N SER A 239 7.95 11.43 5.60
CA SER A 239 8.89 10.76 4.73
C SER A 239 8.45 9.31 4.51
N GLN A 240 8.97 8.71 3.43
CA GLN A 240 8.68 7.30 3.14
C GLN A 240 9.04 6.42 4.33
N GLU A 241 10.11 6.78 5.05
CA GLU A 241 10.61 5.93 6.13
C GLU A 241 9.64 5.96 7.31
N GLU A 242 9.00 7.11 7.54
CA GLU A 242 7.94 7.19 8.55
C GLU A 242 6.81 6.21 8.18
N VAL A 243 6.48 6.11 6.89
CA VAL A 243 5.40 5.22 6.48
C VAL A 243 5.87 3.77 6.58
N GLY A 244 7.13 3.50 6.21
CA GLY A 244 7.67 2.14 6.29
C GLY A 244 7.73 1.62 7.72
N ASN A 245 8.11 2.47 8.68
CA ASN A 245 8.16 2.05 10.07
C ASN A 245 6.75 1.85 10.65
N ALA A 246 5.79 2.67 10.24
CA ALA A 246 4.42 2.45 10.70
C ALA A 246 3.93 1.12 10.13
N ALA A 247 4.30 0.85 8.87
CA ALA A 247 3.91 -0.40 8.23
C ALA A 247 4.58 -1.58 8.96
N LEU A 248 5.87 -1.40 9.25
CA LEU A 248 6.58 -2.40 10.03
C LEU A 248 5.77 -2.73 11.28
N PHE A 249 5.37 -1.69 12.03
CA PHE A 249 4.58 -1.90 13.24
C PHE A 249 3.36 -2.77 12.94
N LEU A 250 2.54 -2.38 11.94
CA LEU A 250 1.26 -3.03 11.72
C LEU A 250 1.43 -4.48 11.26
N LEU A 251 2.59 -4.77 10.63
CA LEU A 251 2.84 -6.12 10.15
C LEU A 251 3.48 -6.96 11.26
N SER A 252 3.81 -6.34 12.41
CA SER A 252 4.57 -6.99 13.46
C SER A 252 3.67 -7.58 14.56
N PRO A 253 4.22 -8.52 15.38
CA PRO A 253 3.49 -9.05 16.53
C PRO A 253 3.05 -7.98 17.53
N TRP A 254 3.70 -6.81 17.51
CA TRP A 254 3.28 -5.70 18.34
C TRP A 254 1.87 -5.22 18.02
N ALA A 255 1.40 -5.51 16.80
CA ALA A 255 0.09 -5.04 16.34
C ALA A 255 -0.93 -6.17 16.35
N SER A 256 -0.72 -7.18 17.17
CA SER A 256 -1.59 -8.35 17.18
C SER A 256 -3.00 -8.00 17.66
N GLY A 257 -3.20 -6.85 18.31
CA GLY A 257 -4.56 -6.57 18.76
C GLY A 257 -5.32 -5.69 17.78
N ILE A 258 -4.73 -5.42 16.61
CA ILE A 258 -5.21 -4.38 15.71
C ILE A 258 -5.61 -4.99 14.37
N THR A 259 -6.89 -4.85 14.03
CA THR A 259 -7.42 -5.24 12.73
C THR A 259 -8.51 -4.26 12.34
N GLY A 260 -8.70 -4.03 11.06
CA GLY A 260 -9.69 -3.07 10.63
C GLY A 260 -9.24 -1.61 10.74
N GLU A 261 -7.99 -1.32 11.16
CA GLU A 261 -7.55 0.06 11.41
C GLU A 261 -7.16 0.75 10.11
N ILE A 262 -7.55 2.01 10.01
CA ILE A 262 -6.91 2.98 9.16
C ILE A 262 -6.00 3.83 10.06
N LEU A 263 -4.68 3.67 9.91
CA LEU A 263 -3.69 4.42 10.65
C LEU A 263 -3.21 5.57 9.77
N PHE A 264 -3.45 6.82 10.21
CA PHE A 264 -2.99 7.98 9.47
C PHE A 264 -1.52 8.24 9.83
N VAL A 265 -0.66 8.26 8.81
CA VAL A 265 0.71 8.70 8.97
C VAL A 265 0.88 9.93 8.07
N ASP A 266 0.46 11.10 8.57
CA ASP A 266 0.25 12.25 7.70
C ASP A 266 0.57 13.52 8.48
N ALA A 267 1.31 13.36 9.59
CA ALA A 267 1.75 14.47 10.40
C ALA A 267 0.56 15.27 10.88
N GLY A 268 -0.61 14.61 11.00
CA GLY A 268 -1.77 15.21 11.64
C GLY A 268 -2.70 16.02 10.73
N PHE A 269 -2.40 16.08 9.42
CA PHE A 269 -3.22 16.79 8.44
C PHE A 269 -4.72 16.52 8.59
N ASN A 270 -5.10 15.24 8.62
CA ASN A 270 -6.51 14.88 8.53
C ASN A 270 -7.32 15.49 9.66
N THR A 271 -6.67 16.02 10.71
CA THR A 271 -7.39 16.48 11.90
C THR A 271 -7.67 18.00 11.88
N VAL A 272 -7.10 18.73 10.91
CA VAL A 272 -7.28 20.17 10.89
C VAL A 272 -8.41 20.57 9.94
N ALA A 273 -9.21 21.56 10.33
CA ALA A 273 -10.18 22.21 9.44
C ALA A 273 -9.58 23.49 8.82
N ILE A 274 -9.16 24.46 9.65
CA ILE A 274 -8.47 25.65 9.17
C ILE A 274 -7.28 25.94 10.10
N SER A 275 -6.06 25.92 9.54
CA SER A 275 -4.89 26.26 10.35
C SER A 275 -4.74 27.77 10.46
N GLU A 276 -4.02 28.20 11.51
CA GLU A 276 -3.69 29.59 11.72
C GLU A 276 -2.79 30.09 10.59
N LYS A 277 -1.87 29.24 10.11
CA LYS A 277 -0.98 29.58 9.01
C LYS A 277 -1.79 29.84 7.74
N ILE A 278 -2.90 29.10 7.56
CA ILE A 278 -3.73 29.22 6.37
C ILE A 278 -4.51 30.54 6.39
N MET A 279 -4.83 31.04 7.58
CA MET A 279 -5.71 32.19 7.74
C MET A 279 -5.30 33.39 6.88
N MET A 280 -4.13 33.31 6.21
CA MET A 280 -3.71 34.28 5.19
C MET A 280 -3.38 33.55 3.88
PA NAD B . 2.64 4.44 -6.90
O1A NAD B . 1.66 5.57 -6.81
O2A NAD B . 3.30 4.19 -8.22
O5B NAD B . 1.92 3.09 -6.40
C5B NAD B . 1.36 2.21 -7.41
C4B NAD B . 2.25 1.02 -7.59
O4B NAD B . 1.46 -0.06 -8.14
C3B NAD B . 3.46 1.17 -8.54
O3B NAD B . 4.56 0.38 -8.09
C2B NAD B . 2.89 0.61 -9.84
O2B NAD B . 3.85 0.20 -10.80
C1B NAD B . 2.08 -0.56 -9.31
N9A NAD B . 1.05 -1.03 -10.23
C8A NAD B . 0.29 -0.26 -11.06
N7A NAD B . -0.53 -0.96 -11.82
C5A NAD B . -0.30 -2.27 -11.45
C6A NAD B . -0.86 -3.49 -11.87
N6A NAD B . -1.79 -3.56 -12.82
N1A NAD B . -0.41 -4.64 -11.29
C2A NAD B . 0.53 -4.54 -10.34
N3A NAD B . 1.14 -3.46 -9.87
C4A NAD B . 0.68 -2.34 -10.47
O3 NAD B . 3.81 4.63 -5.82
PN NAD B . 3.83 5.02 -4.26
O1N NAD B . 4.07 6.49 -4.15
O2N NAD B . 4.75 4.10 -3.53
O5D NAD B . 2.31 4.72 -3.85
C5D NAD B . 1.92 3.49 -3.18
C4D NAD B . 0.52 3.63 -2.64
O4D NAD B . 0.49 4.71 -1.69
C3D NAD B . -0.56 3.94 -3.69
O3D NAD B . -1.67 3.05 -3.65
C2D NAD B . -0.94 5.39 -3.38
O2D NAD B . -2.30 5.61 -3.71
C1D NAD B . -0.70 5.48 -1.88
N1N NAD B . -0.47 6.87 -1.38
C2N NAD B . 0.64 7.62 -1.76
C3N NAD B . 0.78 8.95 -1.32
C7N NAD B . 1.83 9.86 -1.96
O7N NAD B . 1.71 11.09 -1.90
N7N NAD B . 2.85 9.28 -2.56
C4N NAD B . -0.05 9.41 -0.29
C5N NAD B . -1.11 8.61 0.13
C6N NAD B . -1.37 7.41 -0.51
CA CA C . -7.57 6.12 12.62
C1 GOL D . -1.45 10.60 -4.75
O1 GOL D . -2.01 9.42 -4.18
C2 GOL D . -1.96 11.85 -4.04
O2 GOL D . -1.14 12.10 -2.88
C3 GOL D . -2.09 13.07 -4.93
O3 GOL D . -3.11 13.97 -4.51
#